data_6N34
#
_entry.id   6N34
#
_cell.length_a   41.866
_cell.length_b   72.599
_cell.length_c   92.858
_cell.angle_alpha   90.000
_cell.angle_beta   90.000
_cell.angle_gamma   90.000
#
_symmetry.space_group_name_H-M   'P 21 21 21'
#
_entity_poly.entity_id   1
_entity_poly.type   'polypeptide(L)'
_entity_poly.pdbx_seq_one_letter_code
;MIPNGYLMFEDENFIESSVAKLNALRKSGQFCDVRLQVCGHEMLAHRAVLACCSPYLFEIFNSDSDPHGISHVKFDDLNP
EAVEVLLNYAYTAQLKADKELVKDVYSAAKKLKMDRVKQVCGDYLLSRMDVTSCISYLEHHHHHH
;
_entity_poly.pdbx_strand_id   A,B
#
# COMPACT_ATOMS: atom_id res chain seq x y z
N TYR A 6 16.99 -3.35 24.39
CA TYR A 6 16.13 -2.51 23.57
C TYR A 6 15.90 -3.23 22.24
N LEU A 7 14.65 -3.30 21.77
CA LEU A 7 14.27 -4.27 20.75
C LEU A 7 13.92 -3.61 19.42
N MET A 8 14.52 -4.12 18.36
CA MET A 8 14.24 -3.66 17.01
C MET A 8 14.52 -4.77 16.01
N PHE A 9 13.74 -4.80 14.94
CA PHE A 9 13.79 -5.88 13.98
C PHE A 9 13.20 -5.41 12.66
N GLU A 10 13.70 -5.96 11.57
CA GLU A 10 13.10 -5.73 10.26
C GLU A 10 12.73 -7.06 9.63
N ASP A 11 11.55 -7.11 9.03
CA ASP A 11 11.03 -8.30 8.38
C ASP A 11 11.19 -8.12 6.88
N GLU A 12 12.29 -8.64 6.33
CA GLU A 12 12.55 -8.40 4.92
C GLU A 12 11.64 -9.23 4.01
N ASN A 13 11.03 -10.30 4.54
CA ASN A 13 9.98 -10.97 3.80
C ASN A 13 8.72 -10.11 3.70
N PHE A 14 8.40 -9.38 4.77
CA PHE A 14 7.11 -8.71 4.89
C PHE A 14 6.83 -7.76 3.74
N ILE A 15 7.86 -7.18 3.12
CA ILE A 15 7.59 -6.17 2.11
C ILE A 15 7.11 -6.80 0.81
N GLU A 16 7.73 -7.92 0.40
CA GLU A 16 7.31 -8.58 -0.83
C GLU A 16 6.01 -9.35 -0.64
N SER A 17 5.73 -9.87 0.55
CA SER A 17 4.51 -10.64 0.78
C SER A 17 3.27 -9.76 0.84
N SER A 18 3.42 -8.45 1.00
CA SER A 18 2.23 -7.61 1.13
C SER A 18 1.94 -6.79 -0.11
N VAL A 19 2.95 -6.43 -0.92
CA VAL A 19 2.62 -5.90 -2.25
C VAL A 19 1.92 -6.98 -3.06
N ALA A 20 2.28 -8.25 -2.85
CA ALA A 20 1.55 -9.34 -3.46
C ALA A 20 0.13 -9.44 -2.91
N LYS A 21 0.03 -9.30 -1.60
CA LYS A 21 -1.31 -9.37 -1.00
C LYS A 21 -2.07 -8.15 -1.49
N LEU A 22 -1.47 -6.98 -1.45
CA LEU A 22 -2.19 -5.79 -1.91
C LEU A 22 -2.53 -5.96 -3.37
N ASN A 23 -1.59 -6.40 -4.16
CA ASN A 23 -1.93 -6.56 -5.58
C ASN A 23 -3.11 -7.52 -5.67
N ALA A 24 -3.02 -8.64 -4.98
CA ALA A 24 -4.10 -9.62 -4.93
C ALA A 24 -5.44 -8.94 -4.60
N LEU A 25 -5.44 -8.02 -3.62
CA LEU A 25 -6.65 -7.30 -3.25
C LEU A 25 -7.24 -6.53 -4.43
N ARG A 26 -6.40 -5.73 -5.09
CA ARG A 26 -6.86 -4.93 -6.22
C ARG A 26 -7.48 -5.79 -7.30
N LYS A 27 -6.84 -6.90 -7.65
CA LYS A 27 -7.35 -7.78 -8.69
C LYS A 27 -8.58 -8.59 -8.25
N SER A 28 -8.95 -8.52 -6.96
CA SER A 28 -10.14 -9.16 -6.44
C SER A 28 -11.23 -8.17 -6.07
N GLY A 29 -10.97 -6.88 -6.24
CA GLY A 29 -11.91 -5.83 -5.89
C GLY A 29 -12.25 -5.75 -4.42
N GLN A 30 -11.26 -5.78 -3.53
CA GLN A 30 -11.51 -5.74 -2.11
C GLN A 30 -10.99 -4.45 -1.51
N PHE A 31 -11.86 -3.78 -0.75
CA PHE A 31 -11.54 -2.54 -0.04
C PHE A 31 -11.18 -1.41 -0.98
N CYS A 32 -11.47 -1.52 -2.27
CA CYS A 32 -11.12 -0.44 -3.17
C CYS A 32 -12.04 0.77 -2.97
N ASP A 33 -11.52 1.94 -3.34
CA ASP A 33 -12.27 3.17 -3.17
C ASP A 33 -12.06 4.13 -4.34
N VAL A 34 -11.45 3.67 -5.43
CA VAL A 34 -11.40 4.38 -6.70
C VAL A 34 -11.90 3.44 -7.78
N ARG A 35 -12.73 3.96 -8.68
CA ARG A 35 -13.12 3.27 -9.90
C ARG A 35 -12.57 4.07 -11.08
N LEU A 36 -11.63 3.47 -11.80
CA LEU A 36 -11.02 4.09 -12.98
C LEU A 36 -11.86 3.76 -14.22
N GLN A 37 -12.49 4.78 -14.80
CA GLN A 37 -13.22 4.62 -16.05
C GLN A 37 -12.30 5.08 -17.17
N VAL A 38 -11.92 4.11 -17.99
CA VAL A 38 -11.14 4.41 -19.20
C VAL A 38 -11.91 3.79 -20.35
N CYS A 39 -12.64 4.61 -21.09
CA CYS A 39 -13.35 4.18 -22.30
C CYS A 39 -14.24 2.96 -22.08
N GLY A 40 -14.93 2.80 -20.96
CA GLY A 40 -15.80 1.62 -20.92
C GLY A 40 -15.19 0.48 -20.18
N HIS A 41 -13.89 0.50 -19.97
CA HIS A 41 -13.33 -0.47 -19.06
C HIS A 41 -13.43 0.06 -17.63
N GLU A 42 -13.62 -0.84 -16.67
CA GLU A 42 -13.75 -0.49 -15.27
C GLU A 42 -12.63 -1.15 -14.46
N MET A 43 -11.84 -0.35 -13.77
CA MET A 43 -10.75 -0.96 -13.01
C MET A 43 -10.72 -0.28 -11.67
N LEU A 44 -10.72 -1.06 -10.60
CA LEU A 44 -10.73 -0.44 -9.27
C LEU A 44 -9.33 -0.46 -8.69
N ALA A 45 -9.13 0.36 -7.67
CA ALA A 45 -7.83 0.47 -7.01
C ALA A 45 -8.03 1.16 -5.67
N HIS A 46 -6.94 1.40 -4.97
CA HIS A 46 -7.03 2.06 -3.66
C HIS A 46 -6.50 3.48 -3.76
N ARG A 47 -7.31 4.43 -3.28
CA ARG A 47 -6.91 5.84 -3.27
C ARG A 47 -5.49 5.99 -2.76
N ALA A 48 -5.19 5.36 -1.62
CA ALA A 48 -3.92 5.61 -0.95
C ALA A 48 -2.76 5.15 -1.80
N VAL A 49 -2.87 3.95 -2.41
CA VAL A 49 -1.78 3.44 -3.27
C VAL A 49 -1.58 4.37 -4.46
N LEU A 50 -2.65 4.66 -5.22
CA LEU A 50 -2.52 5.54 -6.37
C LEU A 50 -2.01 6.92 -5.98
N ALA A 51 -2.25 7.33 -4.72
CA ALA A 51 -1.87 8.67 -4.28
C ALA A 51 -0.36 8.82 -4.16
N CYS A 52 0.33 7.75 -3.76
CA CYS A 52 1.78 7.74 -3.68
C CYS A 52 2.44 7.83 -5.04
N CYS A 53 1.69 7.81 -6.07
CA CYS A 53 2.25 7.37 -7.33
C CYS A 53 1.98 8.34 -8.46
N SER A 54 0.77 8.88 -8.53
CA SER A 54 0.41 9.90 -9.49
C SER A 54 0.12 11.20 -8.76
N PRO A 55 0.95 12.23 -8.94
CA PRO A 55 0.53 13.57 -8.51
C PRO A 55 -0.83 13.97 -9.05
N TYR A 56 -1.10 13.67 -10.32
CA TYR A 56 -2.37 13.97 -10.96
C TYR A 56 -3.54 13.40 -10.16
N LEU A 57 -3.50 12.11 -9.88
CA LEU A 57 -4.61 11.54 -9.12
C LEU A 57 -4.66 12.07 -7.70
N PHE A 58 -3.50 12.35 -7.09
CA PHE A 58 -3.50 12.79 -5.71
C PHE A 58 -4.14 14.16 -5.55
N GLU A 59 -4.07 15.00 -6.57
CA GLU A 59 -4.71 16.30 -6.48
C GLU A 59 -6.20 16.22 -6.79
N ILE A 60 -6.63 15.19 -7.53
CA ILE A 60 -8.06 15.00 -7.77
C ILE A 60 -8.76 14.51 -6.52
N PHE A 61 -8.20 13.49 -5.86
CA PHE A 61 -8.82 12.94 -4.65
C PHE A 61 -9.06 13.99 -3.58
N ASN A 62 -8.41 15.15 -3.70
CA ASN A 62 -8.68 16.30 -2.83
C ASN A 62 -9.70 17.18 -3.55
N SER A 63 -10.98 16.95 -3.26
CA SER A 63 -12.08 17.71 -3.85
C SER A 63 -13.39 17.45 -3.11
N GLY A 69 -18.87 9.19 -0.35
CA GLY A 69 -18.87 8.16 -1.39
C GLY A 69 -17.51 7.90 -1.97
N ILE A 70 -17.37 6.85 -2.76
CA ILE A 70 -16.07 6.50 -3.33
C ILE A 70 -15.87 7.23 -4.65
N SER A 71 -14.61 7.27 -5.11
CA SER A 71 -14.20 8.20 -6.15
C SER A 71 -14.35 7.59 -7.54
N HIS A 72 -14.87 8.37 -8.46
CA HIS A 72 -14.96 8.00 -9.87
C HIS A 72 -14.06 8.94 -10.66
N VAL A 73 -13.32 8.39 -11.61
CA VAL A 73 -12.48 9.20 -12.50
C VAL A 73 -12.60 8.64 -13.93
N LYS A 74 -12.69 9.55 -14.91
CA LYS A 74 -12.79 9.20 -16.32
C LYS A 74 -11.54 9.67 -17.06
N PHE A 75 -11.21 8.98 -18.15
CA PHE A 75 -10.02 9.29 -18.94
C PHE A 75 -10.33 9.30 -20.44
N ASP A 76 -10.85 8.20 -20.98
CA ASP A 76 -11.48 8.18 -22.31
C ASP A 76 -10.58 8.59 -23.48
N ASP A 77 -9.30 8.89 -23.23
CA ASP A 77 -8.33 9.09 -24.31
C ASP A 77 -7.06 8.30 -24.05
N LEU A 78 -7.10 7.36 -23.11
CA LEU A 78 -5.97 6.57 -22.66
C LEU A 78 -6.16 5.10 -23.00
N ASN A 79 -5.11 4.42 -23.37
CA ASN A 79 -5.29 3.03 -23.73
C ASN A 79 -5.58 2.27 -22.45
N PRO A 80 -6.70 1.56 -22.37
CA PRO A 80 -7.02 0.80 -21.16
C PRO A 80 -5.98 -0.25 -20.78
N GLU A 81 -5.47 -1.01 -21.74
CA GLU A 81 -4.41 -1.95 -21.42
C GLU A 81 -3.21 -1.22 -20.87
N ALA A 82 -2.91 -0.05 -21.44
CA ALA A 82 -1.85 0.79 -20.91
C ALA A 82 -2.09 1.10 -19.43
N VAL A 83 -3.30 1.51 -19.09
CA VAL A 83 -3.56 1.89 -17.70
C VAL A 83 -3.35 0.69 -16.79
N GLU A 84 -3.73 -0.50 -17.24
CA GLU A 84 -3.52 -1.68 -16.41
C GLU A 84 -2.03 -1.94 -16.15
N VAL A 85 -1.17 -1.55 -17.09
CA VAL A 85 0.27 -1.63 -16.89
C VAL A 85 0.72 -0.64 -15.83
N LEU A 86 0.24 0.59 -15.89
CA LEU A 86 0.54 1.55 -14.84
C LEU A 86 -0.05 1.14 -13.51
N LEU A 87 -1.21 0.49 -13.50
CA LEU A 87 -1.71 -0.05 -12.25
C LEU A 87 -0.74 -1.05 -11.65
N ASN A 88 -0.28 -2.03 -12.43
CA ASN A 88 0.56 -3.07 -11.88
C ASN A 88 1.83 -2.49 -11.30
N TYR A 89 2.32 -1.43 -11.92
CA TYR A 89 3.59 -0.88 -11.47
C TYR A 89 3.40 -0.09 -10.19
N ALA A 90 2.28 0.62 -10.06
CA ALA A 90 2.01 1.32 -8.81
C ALA A 90 1.90 0.36 -7.63
N TYR A 91 1.46 -0.86 -7.87
CA TYR A 91 1.31 -1.79 -6.76
C TYR A 91 2.61 -2.53 -6.48
N THR A 92 3.21 -3.10 -7.53
CA THR A 92 4.30 -4.05 -7.43
C THR A 92 5.66 -3.45 -7.72
N ALA A 93 5.73 -2.19 -8.11
CA ALA A 93 6.94 -1.50 -8.56
C ALA A 93 7.54 -2.09 -9.83
N GLN A 94 6.79 -2.92 -10.56
CA GLN A 94 7.29 -3.57 -11.76
C GLN A 94 6.55 -3.10 -13.01
N LEU A 95 7.32 -2.80 -14.04
CA LEU A 95 6.84 -2.20 -15.28
C LEU A 95 7.11 -3.16 -16.44
N LYS A 96 6.06 -3.80 -16.96
CA LYS A 96 6.18 -4.72 -18.10
C LYS A 96 5.19 -4.29 -19.17
N ALA A 97 5.67 -3.97 -20.37
CA ALA A 97 4.77 -3.64 -21.47
C ALA A 97 5.31 -4.17 -22.79
N ASP A 98 4.39 -4.49 -23.70
CA ASP A 98 4.75 -4.94 -25.03
C ASP A 98 5.24 -3.77 -25.87
N LYS A 99 6.05 -4.07 -26.88
CA LYS A 99 6.64 -3.04 -27.73
C LYS A 99 5.59 -2.06 -28.27
N GLU A 100 4.60 -2.56 -29.03
CA GLU A 100 3.63 -1.65 -29.63
C GLU A 100 2.80 -0.91 -28.57
N LEU A 101 2.83 -1.38 -27.33
CA LEU A 101 2.09 -0.79 -26.22
C LEU A 101 2.87 0.31 -25.49
N VAL A 102 4.14 0.52 -25.82
CA VAL A 102 4.98 1.44 -25.07
C VAL A 102 4.53 2.90 -25.29
N LYS A 103 4.18 3.26 -26.54
CA LYS A 103 3.74 4.63 -26.81
C LYS A 103 2.49 4.98 -26.01
N ASP A 104 1.59 4.02 -25.81
CA ASP A 104 0.39 4.31 -25.03
C ASP A 104 0.68 4.36 -23.53
N VAL A 105 1.63 3.54 -23.09
CA VAL A 105 2.06 3.59 -21.69
C VAL A 105 2.79 4.89 -21.42
N TYR A 106 3.64 5.33 -22.35
CA TYR A 106 4.24 6.66 -22.20
C TYR A 106 3.16 7.75 -22.13
N SER A 107 2.13 7.66 -22.97
CA SER A 107 1.07 8.67 -23.01
C SER A 107 0.30 8.72 -21.69
N ALA A 108 -0.04 7.55 -21.14
CA ALA A 108 -0.80 7.51 -19.90
C ALA A 108 0.05 7.97 -18.73
N ALA A 109 1.35 7.73 -18.78
CA ALA A 109 2.24 8.12 -17.69
C ALA A 109 2.43 9.63 -17.67
N LYS A 110 2.34 10.27 -18.82
CA LYS A 110 2.43 11.72 -18.85
C LYS A 110 1.15 12.34 -18.32
N LYS A 111 0.00 11.76 -18.67
CA LYS A 111 -1.28 12.27 -18.17
C LYS A 111 -1.33 12.20 -16.65
N LEU A 112 -0.85 11.08 -16.07
CA LEU A 112 -0.84 10.86 -14.62
C LEU A 112 0.46 11.30 -13.97
N LYS A 113 1.43 11.79 -14.75
CA LYS A 113 2.62 12.43 -14.22
C LYS A 113 3.44 11.46 -13.38
N MET A 114 3.59 10.25 -13.92
CA MET A 114 4.40 9.20 -13.33
C MET A 114 5.77 9.18 -13.99
N ASP A 115 6.75 9.78 -13.33
CA ASP A 115 7.90 10.28 -14.08
C ASP A 115 8.93 9.20 -14.34
N ARG A 116 9.33 8.44 -13.33
CA ARG A 116 10.23 7.34 -13.59
C ARG A 116 9.72 6.49 -14.74
N VAL A 117 8.41 6.24 -14.75
CA VAL A 117 7.80 5.50 -15.86
C VAL A 117 7.86 6.31 -17.14
N LYS A 118 7.44 7.57 -17.09
CA LYS A 118 7.59 8.44 -18.27
C LYS A 118 9.00 8.40 -18.84
N GLN A 119 10.01 8.52 -17.97
CA GLN A 119 11.38 8.57 -18.46
C GLN A 119 11.77 7.26 -19.14
N VAL A 120 11.42 6.14 -18.52
CA VAL A 120 11.84 4.84 -19.04
C VAL A 120 11.21 4.61 -20.41
N CYS A 121 9.88 4.70 -20.47
CA CYS A 121 9.19 4.54 -21.75
C CYS A 121 9.69 5.53 -22.79
N GLY A 122 10.07 6.73 -22.36
CA GLY A 122 10.59 7.69 -23.30
C GLY A 122 11.95 7.27 -23.83
N ASP A 123 12.80 6.75 -22.95
CA ASP A 123 14.10 6.27 -23.39
C ASP A 123 13.95 5.14 -24.41
N TYR A 124 13.05 4.21 -24.12
CA TYR A 124 12.83 3.09 -25.02
C TYR A 124 12.44 3.57 -26.41
N LEU A 125 11.31 4.29 -26.49
CA LEU A 125 10.89 4.91 -27.73
C LEU A 125 12.01 5.72 -28.35
N LEU A 126 12.68 6.56 -27.55
CA LEU A 126 13.64 7.50 -28.12
C LEU A 126 14.88 6.82 -28.66
N SER A 127 15.23 5.66 -28.14
CA SER A 127 16.36 4.92 -28.67
C SER A 127 16.00 4.16 -29.93
N ARG A 128 14.82 4.45 -30.51
CA ARG A 128 14.25 3.66 -31.60
C ARG A 128 13.53 4.51 -32.66
N MET A 129 13.79 5.83 -32.73
CA MET A 129 13.22 6.71 -33.74
C MET A 129 14.27 7.69 -34.29
N ASN B 4 11.57 -12.34 -26.11
CA ASN B 4 10.86 -11.11 -25.79
C ASN B 4 11.22 -10.00 -26.77
N GLY B 5 11.84 -8.95 -26.24
CA GLY B 5 12.20 -7.82 -27.08
C GLY B 5 11.32 -6.63 -26.79
N TYR B 6 10.92 -6.49 -25.53
CA TYR B 6 10.00 -5.44 -25.11
C TYR B 6 10.50 -4.88 -23.77
N LEU B 7 9.68 -4.02 -23.15
CA LEU B 7 10.15 -3.12 -22.09
C LEU B 7 9.85 -3.69 -20.71
N MET B 8 10.88 -4.20 -20.05
CA MET B 8 10.76 -4.57 -18.65
C MET B 8 11.68 -3.69 -17.81
N PHE B 9 11.20 -3.36 -16.64
CA PHE B 9 11.88 -2.40 -15.77
C PHE B 9 11.32 -2.54 -14.38
N GLU B 10 12.20 -2.77 -13.40
CA GLU B 10 11.83 -2.73 -11.99
C GLU B 10 12.44 -1.49 -11.35
N ASP B 11 11.64 -0.79 -10.57
CA ASP B 11 12.09 0.42 -9.91
C ASP B 11 12.51 0.06 -8.49
N GLU B 12 13.81 -0.20 -8.31
CA GLU B 12 14.32 -0.65 -7.02
C GLU B 12 14.18 0.40 -5.93
N ASN B 13 13.87 1.65 -6.30
CA ASN B 13 13.60 2.68 -5.33
C ASN B 13 12.12 2.86 -5.04
N PHE B 14 11.25 2.53 -6.00
CA PHE B 14 9.83 2.87 -5.87
C PHE B 14 9.23 2.30 -4.60
N ILE B 15 9.58 1.06 -4.26
CA ILE B 15 8.94 0.44 -3.11
C ILE B 15 9.25 1.21 -1.83
N GLU B 16 10.54 1.42 -1.54
CA GLU B 16 10.88 2.04 -0.25
C GLU B 16 10.45 3.49 -0.15
N SER B 17 10.47 4.23 -1.24
CA SER B 17 9.93 5.58 -1.21
C SER B 17 8.41 5.56 -1.03
N SER B 18 7.71 4.58 -1.63
CA SER B 18 6.26 4.60 -1.58
C SER B 18 5.74 4.22 -0.18
N VAL B 19 6.44 3.33 0.54
CA VAL B 19 6.02 3.00 1.90
C VAL B 19 6.19 4.20 2.82
N ALA B 20 7.25 5.00 2.59
CA ALA B 20 7.41 6.23 3.35
C ALA B 20 6.20 7.14 3.16
N LYS B 21 5.74 7.20 1.92
CA LYS B 21 4.60 8.07 1.55
C LYS B 21 3.35 7.52 2.21
N LEU B 22 3.14 6.22 2.14
CA LEU B 22 1.95 5.64 2.80
C LEU B 22 2.08 5.90 4.29
N ASN B 23 3.25 5.67 4.84
CA ASN B 23 3.43 5.97 6.27
C ASN B 23 3.12 7.45 6.48
N ALA B 24 3.70 8.34 5.68
CA ALA B 24 3.42 9.79 5.80
C ALA B 24 1.91 10.05 5.71
N LEU B 25 1.23 9.41 4.78
CA LEU B 25 -0.23 9.55 4.62
C LEU B 25 -0.94 9.11 5.89
N ARG B 26 -0.50 8.04 6.52
CA ARG B 26 -1.22 7.58 7.72
C ARG B 26 -0.98 8.55 8.85
N LYS B 27 0.20 9.13 8.93
CA LYS B 27 0.41 10.04 10.07
C LYS B 27 -0.40 11.32 9.84
N SER B 28 -0.57 11.74 8.59
CA SER B 28 -1.38 12.96 8.33
C SER B 28 -2.85 12.58 8.17
N GLY B 29 -3.16 11.31 8.15
CA GLY B 29 -4.58 10.91 8.13
C GLY B 29 -5.29 10.99 6.81
N GLN B 30 -4.62 11.15 5.68
CA GLN B 30 -5.42 11.21 4.44
C GLN B 30 -5.88 9.83 3.99
N PHE B 31 -7.03 9.77 3.33
CA PHE B 31 -7.63 8.56 2.74
C PHE B 31 -7.83 7.43 3.73
N CYS B 32 -7.68 7.68 5.02
CA CYS B 32 -7.78 6.60 5.99
C CYS B 32 -9.23 6.20 6.24
N ASP B 33 -9.52 4.92 6.03
CA ASP B 33 -10.88 4.40 6.20
C ASP B 33 -11.04 3.52 7.43
N VAL B 34 -10.16 3.67 8.42
CA VAL B 34 -10.26 2.97 9.70
C VAL B 34 -9.97 3.94 10.83
N ARG B 35 -10.75 3.86 11.90
CA ARG B 35 -10.43 4.52 13.16
C ARG B 35 -10.19 3.44 14.21
N LEU B 36 -8.94 3.32 14.68
CA LEU B 36 -8.55 2.36 15.72
C LEU B 36 -8.55 3.05 17.09
N GLN B 37 -9.58 2.75 17.90
CA GLN B 37 -9.71 3.26 19.27
C GLN B 37 -9.02 2.33 20.26
N VAL B 38 -7.85 2.73 20.75
CA VAL B 38 -7.07 1.94 21.69
C VAL B 38 -7.18 2.62 23.05
N CYS B 39 -8.06 2.09 23.90
CA CYS B 39 -8.25 2.56 25.28
C CYS B 39 -8.37 4.07 25.35
N GLY B 40 -9.27 4.60 24.55
CA GLY B 40 -9.47 6.04 24.48
C GLY B 40 -8.65 6.73 23.40
N HIS B 41 -7.36 6.44 23.35
CA HIS B 41 -6.54 6.92 22.25
C HIS B 41 -7.06 6.33 20.95
N GLU B 42 -6.92 7.07 19.85
CA GLU B 42 -7.41 6.64 18.55
C GLU B 42 -6.34 6.87 17.50
N MET B 43 -6.27 5.96 16.53
CA MET B 43 -5.29 6.04 15.45
C MET B 43 -5.92 5.65 14.13
N LEU B 44 -5.62 6.43 13.08
CA LEU B 44 -6.14 6.21 11.74
C LEU B 44 -5.21 5.31 10.92
N ALA B 45 -5.79 4.67 9.92
CA ALA B 45 -5.07 3.70 9.11
C ALA B 45 -5.89 3.37 7.87
N HIS B 46 -5.29 2.62 6.95
CA HIS B 46 -5.94 2.18 5.72
C HIS B 46 -6.26 0.69 5.82
N ARG B 47 -7.50 0.29 5.47
CA ARG B 47 -7.88 -1.11 5.58
C ARG B 47 -6.95 -2.00 4.78
N ALA B 48 -6.63 -1.60 3.56
CA ALA B 48 -5.89 -2.48 2.68
C ALA B 48 -4.54 -2.82 3.29
N VAL B 49 -3.92 -1.88 3.99
CA VAL B 49 -2.70 -2.21 4.72
C VAL B 49 -3.01 -3.24 5.81
N LEU B 50 -3.83 -2.85 6.78
CA LEU B 50 -4.07 -3.70 7.94
C LEU B 50 -4.59 -5.10 7.58
N ALA B 51 -5.28 -5.25 6.45
CA ALA B 51 -5.78 -6.56 6.07
C ALA B 51 -4.65 -7.48 5.62
N CYS B 52 -3.67 -6.95 4.88
CA CYS B 52 -2.49 -7.74 4.53
C CYS B 52 -1.67 -8.12 5.76
N CYS B 53 -1.76 -7.33 6.81
CA CYS B 53 -0.93 -7.46 8.00
C CYS B 53 -1.58 -8.33 9.08
N SER B 54 -2.90 -8.25 9.19
CA SER B 54 -3.65 -8.82 10.31
C SER B 54 -4.73 -9.72 9.74
N PRO B 55 -4.58 -11.04 9.82
CA PRO B 55 -5.69 -11.91 9.42
C PRO B 55 -6.91 -11.66 10.27
N TYR B 56 -6.71 -11.02 11.41
CA TYR B 56 -7.79 -10.69 12.31
C TYR B 56 -8.60 -9.51 11.79
N LEU B 57 -7.93 -8.40 11.50
CA LEU B 57 -8.64 -7.24 10.97
C LEU B 57 -9.23 -7.54 9.61
N PHE B 58 -8.61 -8.45 8.86
CA PHE B 58 -9.20 -8.89 7.60
C PHE B 58 -10.61 -9.39 7.82
N GLU B 59 -10.79 -10.25 8.81
CA GLU B 59 -12.10 -10.83 9.08
C GLU B 59 -13.11 -9.79 9.52
N ILE B 60 -12.65 -8.86 10.35
CA ILE B 60 -13.49 -7.76 10.87
C ILE B 60 -13.75 -6.76 9.76
N PHE B 61 -13.05 -6.85 8.65
CA PHE B 61 -13.27 -5.82 7.62
C PHE B 61 -14.13 -6.42 6.53
N ASN B 62 -13.92 -7.69 6.26
CA ASN B 62 -14.77 -8.27 5.20
C ASN B 62 -16.11 -8.59 5.84
N SER B 63 -17.17 -7.81 5.59
CA SER B 63 -18.40 -8.16 6.32
C SER B 63 -19.55 -7.32 5.77
N ILE B 70 -16.71 4.19 6.73
CA ILE B 70 -15.49 4.05 7.53
C ILE B 70 -15.61 2.91 8.55
N SER B 71 -14.57 2.10 8.71
CA SER B 71 -14.58 1.00 9.66
C SER B 71 -14.10 1.48 11.02
N HIS B 72 -14.92 1.31 12.05
CA HIS B 72 -14.55 1.58 13.43
C HIS B 72 -14.25 0.26 14.13
N VAL B 73 -13.15 0.23 14.90
CA VAL B 73 -12.71 -0.96 15.64
C VAL B 73 -12.13 -0.51 16.99
N LYS B 74 -12.42 -1.27 18.06
CA LYS B 74 -12.17 -0.82 19.43
C LYS B 74 -11.47 -1.90 20.27
N PHE B 75 -10.53 -1.45 21.12
CA PHE B 75 -9.64 -2.32 21.90
C PHE B 75 -9.55 -1.82 23.34
N ASP B 76 -10.33 -2.39 24.26
CA ASP B 76 -10.34 -1.81 25.61
C ASP B 76 -9.16 -2.29 26.47
N ASP B 77 -8.14 -2.92 25.89
CA ASP B 77 -7.03 -3.40 26.75
C ASP B 77 -5.65 -3.14 26.14
N LEU B 78 -5.54 -3.13 24.84
CA LEU B 78 -4.19 -2.96 24.25
C LEU B 78 -3.60 -1.59 24.57
N ASN B 79 -2.34 -1.54 24.97
CA ASN B 79 -1.58 -0.31 25.12
C ASN B 79 -1.57 0.48 23.81
N PRO B 80 -1.96 1.75 23.80
CA PRO B 80 -1.99 2.50 22.53
C PRO B 80 -0.63 2.68 21.88
N GLU B 81 0.43 2.88 22.67
CA GLU B 81 1.76 2.97 22.11
C GLU B 81 2.13 1.69 21.38
N ALA B 82 1.75 0.55 21.94
CA ALA B 82 2.02 -0.74 21.31
C ALA B 82 1.40 -0.80 19.93
N VAL B 83 0.14 -0.36 19.83
CA VAL B 83 -0.53 -0.43 18.55
C VAL B 83 0.11 0.52 17.57
N GLU B 84 0.60 1.66 18.06
CA GLU B 84 1.38 2.53 17.20
C GLU B 84 2.61 1.81 16.67
N VAL B 85 3.20 0.93 17.45
CA VAL B 85 4.35 0.16 16.98
C VAL B 85 3.91 -0.86 15.95
N LEU B 86 2.81 -1.56 16.20
CA LEU B 86 2.28 -2.45 15.19
C LEU B 86 1.89 -1.69 13.93
N LEU B 87 1.27 -0.52 14.08
CA LEU B 87 1.00 0.29 12.91
C LEU B 87 2.28 0.60 12.15
N ASN B 88 3.28 1.19 12.82
CA ASN B 88 4.53 1.47 12.15
C ASN B 88 5.04 0.26 11.39
N TYR B 89 4.98 -0.91 12.03
CA TYR B 89 5.44 -2.13 11.38
C TYR B 89 4.58 -2.46 10.17
N ALA B 90 3.26 -2.32 10.29
CA ALA B 90 2.41 -2.60 9.15
C ALA B 90 2.79 -1.77 7.94
N TYR B 91 3.27 -0.54 8.16
CA TYR B 91 3.63 0.33 7.04
C TYR B 91 5.11 0.30 6.67
N THR B 92 6.02 -0.01 7.59
CA THR B 92 7.43 0.04 7.27
C THR B 92 8.13 -1.30 7.42
N ALA B 93 7.42 -2.37 7.76
CA ALA B 93 8.04 -3.66 8.08
C ALA B 93 9.09 -3.53 9.19
N GLN B 94 9.10 -2.41 9.90
CA GLN B 94 10.14 -2.30 10.95
C GLN B 94 9.49 -2.36 12.33
N LEU B 95 10.24 -2.80 13.32
CA LEU B 95 9.59 -2.85 14.64
C LEU B 95 10.52 -2.22 15.64
N LYS B 96 10.10 -1.12 16.23
CA LYS B 96 10.94 -0.45 17.21
C LYS B 96 10.12 -0.38 18.49
N ALA B 97 10.71 -0.84 19.57
CA ALA B 97 10.06 -0.91 20.87
C ALA B 97 11.08 -0.88 21.99
N ASP B 98 10.74 -0.18 23.07
CA ASP B 98 11.60 -0.21 24.24
C ASP B 98 11.45 -1.54 24.96
N LYS B 99 12.45 -1.88 25.77
CA LYS B 99 12.45 -3.13 26.52
C LYS B 99 11.14 -3.32 27.30
N GLU B 100 10.68 -2.29 28.01
CA GLU B 100 9.50 -2.45 28.86
C GLU B 100 8.18 -2.43 28.08
N LEU B 101 8.21 -1.95 26.84
CA LEU B 101 7.01 -1.97 26.01
C LEU B 101 6.76 -3.34 25.38
N VAL B 102 7.82 -4.15 25.23
CA VAL B 102 7.76 -5.36 24.44
C VAL B 102 6.70 -6.33 24.94
N LYS B 103 6.47 -6.37 26.25
CA LYS B 103 5.39 -7.23 26.76
C LYS B 103 4.07 -6.89 26.09
N ASP B 104 3.75 -5.61 25.98
CA ASP B 104 2.44 -5.19 25.49
C ASP B 104 2.31 -5.38 23.97
N VAL B 105 3.40 -5.20 23.23
CA VAL B 105 3.33 -5.41 21.79
C VAL B 105 3.12 -6.88 21.50
N TYR B 106 3.55 -7.74 22.43
CA TYR B 106 3.34 -9.17 22.25
C TYR B 106 1.87 -9.50 22.33
N SER B 107 1.17 -8.92 23.29
CA SER B 107 -0.23 -9.24 23.43
C SER B 107 -1.07 -8.59 22.35
N ALA B 108 -0.70 -7.39 21.93
CA ALA B 108 -1.33 -6.77 20.75
C ALA B 108 -1.15 -7.64 19.50
N ALA B 109 0.08 -8.08 19.25
CA ALA B 109 0.31 -8.96 18.10
C ALA B 109 -0.50 -10.23 18.22
N LYS B 110 -0.53 -10.86 19.41
CA LYS B 110 -1.36 -12.04 19.65
C LYS B 110 -2.82 -11.79 19.32
N LYS B 111 -3.31 -10.62 19.73
CA LYS B 111 -4.70 -10.24 19.53
C LYS B 111 -5.02 -10.02 18.05
N LEU B 112 -4.16 -9.27 17.34
CA LEU B 112 -4.34 -8.97 15.93
C LEU B 112 -3.88 -10.11 15.04
N LYS B 113 -3.35 -11.18 15.63
CA LYS B 113 -2.90 -12.36 14.91
C LYS B 113 -1.73 -12.06 13.99
N MET B 114 -0.94 -11.03 14.29
CA MET B 114 0.31 -10.74 13.56
C MET B 114 1.36 -11.72 14.07
N ASP B 115 1.46 -12.88 13.41
CA ASP B 115 2.20 -14.00 13.98
C ASP B 115 3.72 -13.84 13.83
N ARG B 116 4.17 -13.15 12.77
CA ARG B 116 5.58 -12.81 12.66
C ARG B 116 6.03 -11.94 13.83
N VAL B 117 5.31 -10.84 14.08
CA VAL B 117 5.65 -9.96 15.19
C VAL B 117 5.55 -10.70 16.50
N LYS B 118 4.44 -11.39 16.73
CA LYS B 118 4.30 -12.22 17.92
C LYS B 118 5.57 -13.05 18.14
N GLN B 119 6.00 -13.76 17.10
CA GLN B 119 7.16 -14.62 17.18
C GLN B 119 8.41 -13.87 17.66
N VAL B 120 8.74 -12.77 17.00
CA VAL B 120 9.94 -12.03 17.37
C VAL B 120 9.82 -11.45 18.78
N CYS B 121 8.66 -10.91 19.13
CA CYS B 121 8.48 -10.34 20.46
C CYS B 121 8.55 -11.43 21.53
N GLY B 122 7.75 -12.47 21.36
CA GLY B 122 7.73 -13.50 22.37
C GLY B 122 9.07 -14.17 22.52
N ASP B 123 9.89 -14.13 21.49
CA ASP B 123 11.20 -14.73 21.66
C ASP B 123 12.15 -13.78 22.37
N TYR B 124 12.08 -12.48 22.07
CA TYR B 124 12.85 -11.54 22.86
C TYR B 124 12.61 -11.78 24.34
N LEU B 125 11.34 -11.91 24.73
CA LEU B 125 11.01 -12.06 26.14
C LEU B 125 11.58 -13.34 26.72
N LEU B 126 11.31 -14.48 26.08
CA LEU B 126 11.66 -15.76 26.69
C LEU B 126 13.17 -15.87 26.97
N SER B 127 14.01 -15.37 26.07
CA SER B 127 15.46 -15.38 26.31
C SER B 127 15.81 -14.71 27.64
N ARG B 128 15.15 -13.61 27.98
CA ARG B 128 15.21 -13.08 29.33
C ARG B 128 14.47 -14.02 30.29
#